data_5SMD
#
_entry.id   5SMD
#
_cell.length_a   67.626
_cell.length_b   67.900
_cell.length_c   138.488
_cell.angle_alpha   90.000
_cell.angle_beta   90.000
_cell.angle_gamma   90.000
#
_symmetry.space_group_name_H-M   'P 21 21 21'
#
loop_
_entity.id
_entity.type
_entity.pdbx_description
1 polymer 'Proofreading exoribonuclease nsp14'
2 non-polymer 'ZINC ION'
3 non-polymer 'PHOSPHATE ION'
4 non-polymer 2,4-dimethyl-6-(piperazin-1-yl)pyrimidine
5 water water
#
_entity_poly.entity_id   1
_entity_poly.type   'polypeptide(L)'
_entity_poly.pdbx_seq_one_letter_code
;SMLFKDCSKVITGLHPTQAPTHLSVDTKFKTEGLCVDIPGIPKDMTYRRLISMMGFKMNYQVNGYPNMFITREEAIRHVR
AWIGFDVEGCHATREAVGTNLPLQLGFSTGVNLVAVPTGYVDTPNNTDFSRVSAKPPPGDQFKHLIPLMYKGLPWNVVRI
KIVQMLSDTLKNLSDRVVFVLWAHGFELTSMKYFVKIGPERTCCLCDRRATCFSTASDTYACWHHSIGFDYVYNPFMIDV
QQWGFTGNLQSNHDLYCQVHGNAHVASCDAIMTRCLAVHECFVKRVDWTIEYPIIGDELKINAACRKVQHMVVKAALLAD
KFPVLHDIGNPKAIKCVPQADVEWKFYDAQPCSDKAYKIEELFYSYATHSDKFTDGVCLFWNCNVDRYPANSIVCRFDTR
VLSNLNLPGCDGGSLYVNKHAFHTPAFDKSAFVNLKQLPFFYYSDSPCESHGKQVVSDIDYVPLKSATCITRCNLGGAVC
RHHANEYRLYLDAYNMMISAGFSLWVYKQFDTYNLWNTFTRLQ
;
_entity_poly.pdbx_strand_id   D
#
loop_
_chem_comp.id
_chem_comp.type
_chem_comp.name
_chem_comp.formula
PO4 non-polymer 'PHOSPHATE ION' 'O4 P -3'
WKS non-polymer 2,4-dimethyl-6-(piperazin-1-yl)pyrimidine 'C10 H16 N4'
ZN non-polymer 'ZINC ION' 'Zn 2'
#
# COMPACT_ATOMS: atom_id res chain seq x y z
N PRO A 20 -6.48 -8.06 -26.69
CA PRO A 20 -6.32 -6.71 -26.08
C PRO A 20 -5.71 -6.77 -24.69
N THR A 21 -4.37 -6.78 -24.63
CA THR A 21 -3.67 -6.81 -23.35
C THR A 21 -2.91 -5.49 -23.12
N HIS A 22 -2.11 -5.06 -24.10
CA HIS A 22 -1.36 -3.82 -24.01
C HIS A 22 -2.10 -2.64 -24.69
N LEU A 23 -1.62 -1.41 -24.49
CA LEU A 23 -2.20 -0.22 -25.07
C LEU A 23 -1.67 -0.07 -26.50
N SER A 24 -2.56 -0.08 -27.51
CA SER A 24 -2.12 0.06 -28.90
C SER A 24 -1.39 1.38 -29.12
N VAL A 25 -0.23 1.36 -29.77
CA VAL A 25 0.45 2.62 -30.11
C VAL A 25 -0.40 3.46 -31.07
N ASP A 26 -1.35 2.83 -31.80
CA ASP A 26 -2.21 3.58 -32.72
C ASP A 26 -3.44 4.21 -32.01
N THR A 27 -3.53 4.10 -30.66
CA THR A 27 -4.61 4.71 -29.90
C THR A 27 -4.40 6.22 -29.91
N LYS A 28 -5.50 6.97 -29.94
CA LYS A 28 -5.43 8.43 -29.93
C LYS A 28 -5.02 8.97 -28.57
N PHE A 29 -4.25 10.05 -28.61
CA PHE A 29 -3.78 10.74 -27.43
C PHE A 29 -4.28 12.18 -27.53
N LYS A 30 -5.04 12.65 -26.52
CA LYS A 30 -5.57 14.02 -26.53
C LYS A 30 -4.44 14.96 -26.14
N THR A 31 -4.16 15.96 -26.97
CA THR A 31 -3.02 16.84 -26.79
C THR A 31 -3.32 18.22 -26.23
N GLU A 32 -4.59 18.51 -25.87
CA GLU A 32 -4.95 19.82 -25.32
C GLU A 32 -4.11 20.26 -24.11
N GLY A 33 -3.82 19.33 -23.19
CA GLY A 33 -2.99 19.61 -22.02
C GLY A 33 -1.52 19.90 -22.32
N LEU A 34 -1.06 19.51 -23.51
CA LEU A 34 0.33 19.69 -23.95
C LEU A 34 0.56 21.00 -24.72
N CYS A 35 -0.49 21.69 -25.17
CA CYS A 35 -0.32 22.82 -26.08
C CYS A 35 0.20 24.15 -25.47
N VAL A 36 0.36 24.27 -24.14
CA VAL A 36 0.95 25.51 -23.58
C VAL A 36 2.50 25.36 -23.60
N ASP A 37 3.01 24.15 -23.26
CA ASP A 37 4.44 23.86 -23.38
C ASP A 37 4.83 23.59 -24.84
N ILE A 38 3.92 22.96 -25.62
CA ILE A 38 4.16 22.61 -27.03
C ILE A 38 3.11 23.29 -27.95
N PRO A 39 3.20 24.61 -28.18
CA PRO A 39 2.18 25.27 -29.00
C PRO A 39 2.26 24.83 -30.46
N GLY A 40 1.11 24.67 -31.09
CA GLY A 40 1.01 24.21 -32.46
C GLY A 40 0.83 22.71 -32.56
N ILE A 41 0.93 21.98 -31.42
CA ILE A 41 0.80 20.52 -31.41
C ILE A 41 -0.48 20.04 -32.11
N PRO A 42 -0.36 19.04 -33.00
CA PRO A 42 -1.55 18.54 -33.69
C PRO A 42 -2.58 17.99 -32.72
N LYS A 43 -3.84 18.27 -33.00
CA LYS A 43 -4.97 17.76 -32.22
C LYS A 43 -5.10 16.24 -32.43
N ASP A 44 -4.84 15.79 -33.66
CA ASP A 44 -4.90 14.39 -34.06
C ASP A 44 -3.53 13.81 -33.76
N MET A 45 -3.44 12.90 -32.79
CA MET A 45 -2.16 12.38 -32.36
C MET A 45 -2.30 10.94 -31.82
N THR A 46 -1.37 10.05 -32.15
CA THR A 46 -1.38 8.69 -31.61
C THR A 46 -0.21 8.54 -30.63
N TYR A 47 -0.17 7.46 -29.84
CA TYR A 47 0.98 7.18 -28.98
C TYR A 47 2.25 7.00 -29.87
N ARG A 48 2.09 6.33 -31.03
CA ARG A 48 3.15 6.10 -32.01
C ARG A 48 3.84 7.42 -32.40
N ARG A 49 3.06 8.45 -32.73
CA ARG A 49 3.60 9.74 -33.12
C ARG A 49 4.16 10.53 -31.93
N LEU A 50 3.49 10.43 -30.75
CA LEU A 50 3.95 11.08 -29.51
C LEU A 50 5.32 10.54 -29.08
N ILE A 51 5.50 9.22 -29.14
CA ILE A 51 6.77 8.59 -28.75
C ILE A 51 7.90 9.06 -29.68
N SER A 52 7.61 9.18 -30.97
CA SER A 52 8.54 9.68 -31.97
C SER A 52 8.91 11.14 -31.65
N MET A 53 7.91 11.98 -31.31
CA MET A 53 8.10 13.38 -30.94
C MET A 53 8.99 13.49 -29.66
N MET A 54 8.83 12.53 -28.75
CA MET A 54 9.62 12.48 -27.52
C MET A 54 11.11 12.12 -27.76
N GLY A 55 11.48 11.78 -29.00
CA GLY A 55 12.84 11.42 -29.38
C GLY A 55 13.15 9.94 -29.28
N PHE A 56 12.13 9.08 -29.20
CA PHE A 56 12.35 7.64 -29.10
C PHE A 56 12.01 6.91 -30.40
N LYS A 57 12.76 5.85 -30.73
CA LYS A 57 12.52 5.10 -31.96
C LYS A 57 12.18 3.65 -31.63
N MET A 58 10.95 3.22 -31.93
CA MET A 58 10.52 1.84 -31.61
C MET A 58 11.00 0.78 -32.64
N ASN A 59 11.49 1.21 -33.82
CA ASN A 59 12.06 0.34 -34.88
C ASN A 59 11.23 -0.90 -35.29
N TYR A 60 9.89 -0.93 -35.04
CA TYR A 60 9.01 -2.09 -35.30
C TYR A 60 9.54 -3.28 -34.49
N GLN A 61 9.44 -3.21 -33.15
CA GLN A 61 10.02 -4.24 -32.31
C GLN A 61 8.99 -5.08 -31.52
N VAL A 62 9.01 -6.41 -31.76
CA VAL A 62 8.19 -7.38 -31.04
C VAL A 62 9.09 -8.08 -30.03
N ASN A 63 9.50 -7.33 -28.99
CA ASN A 63 10.41 -7.86 -28.00
C ASN A 63 10.00 -7.46 -26.59
N GLY A 64 8.72 -7.65 -26.27
CA GLY A 64 8.18 -7.40 -24.94
C GLY A 64 7.84 -5.98 -24.53
N TYR A 65 8.28 -4.95 -25.27
CA TYR A 65 7.99 -3.56 -24.90
C TYR A 65 7.18 -2.90 -26.04
N PRO A 66 5.87 -3.17 -26.19
CA PRO A 66 5.13 -2.63 -27.35
C PRO A 66 4.80 -1.14 -27.31
N ASN A 67 4.77 -0.56 -26.11
CA ASN A 67 4.45 0.85 -25.94
C ASN A 67 5.05 1.36 -24.60
N MET A 68 5.56 2.61 -24.57
CA MET A 68 6.05 3.22 -23.34
C MET A 68 4.85 3.51 -22.38
N PHE A 69 3.67 3.79 -22.96
CA PHE A 69 2.44 4.08 -22.24
C PHE A 69 1.64 2.80 -22.03
N ILE A 70 0.93 2.73 -20.90
CA ILE A 70 0.14 1.55 -20.53
C ILE A 70 -1.32 1.89 -20.24
N THR A 71 -2.21 0.90 -20.29
CA THR A 71 -3.62 1.08 -19.99
C THR A 71 -3.83 1.33 -18.49
N ARG A 72 -5.00 1.81 -18.12
CA ARG A 72 -5.39 2.01 -16.71
C ARG A 72 -5.38 0.64 -16.00
N GLU A 73 -5.85 -0.43 -16.67
CA GLU A 73 -5.85 -1.77 -16.09
C GLU A 73 -4.42 -2.28 -15.80
N GLU A 74 -3.46 -2.02 -16.72
CA GLU A 74 -2.07 -2.42 -16.52
C GLU A 74 -1.44 -1.56 -15.42
N ALA A 75 -1.80 -0.25 -15.34
CA ALA A 75 -1.30 0.62 -14.28
C ALA A 75 -1.73 0.12 -12.90
N ILE A 76 -3.01 -0.31 -12.76
CA ILE A 76 -3.56 -0.84 -11.51
C ILE A 76 -2.84 -2.13 -11.09
N ARG A 77 -2.58 -3.05 -12.06
CA ARG A 77 -1.85 -4.27 -11.70
C ARG A 77 -0.42 -3.97 -11.21
N HIS A 78 0.13 -2.83 -11.61
CA HIS A 78 1.48 -2.42 -11.25
C HIS A 78 1.51 -1.20 -10.36
N VAL A 79 0.48 -1.00 -9.51
CA VAL A 79 0.44 0.14 -8.58
C VAL A 79 1.73 0.27 -7.71
N ARG A 80 2.42 -0.85 -7.34
CA ARG A 80 3.65 -0.73 -6.54
C ARG A 80 4.78 0.02 -7.25
N ALA A 81 4.72 0.07 -8.60
CA ALA A 81 5.70 0.74 -9.45
C ALA A 81 5.41 2.23 -9.63
N TRP A 82 4.26 2.75 -9.11
CA TRP A 82 3.86 4.13 -9.39
C TRP A 82 4.75 5.19 -8.77
N ILE A 83 5.24 6.08 -9.63
CA ILE A 83 6.04 7.22 -9.24
C ILE A 83 5.47 8.41 -9.97
N GLY A 84 4.88 9.32 -9.22
CA GLY A 84 4.37 10.57 -9.77
C GLY A 84 5.55 11.38 -10.29
N PHE A 85 5.37 12.04 -11.42
CA PHE A 85 6.47 12.78 -12.02
C PHE A 85 5.96 14.06 -12.68
N ASP A 86 6.61 15.18 -12.36
CA ASP A 86 6.26 16.45 -12.95
C ASP A 86 7.52 17.22 -13.33
N VAL A 87 7.47 18.03 -14.40
CA VAL A 87 8.59 18.87 -14.78
C VAL A 87 8.08 20.30 -14.97
N GLU A 88 8.75 21.27 -14.31
CA GLU A 88 8.38 22.66 -14.44
C GLU A 88 9.56 23.46 -15.00
N GLY A 89 9.29 24.36 -15.93
CA GLY A 89 10.31 25.23 -16.48
C GLY A 89 10.69 26.25 -15.43
N CYS A 90 11.99 26.36 -15.09
CA CYS A 90 12.43 27.33 -14.09
C CYS A 90 12.49 28.71 -14.76
N HIS A 91 13.01 28.79 -15.98
CA HIS A 91 13.04 30.04 -16.71
C HIS A 91 11.96 30.06 -17.81
N GLY A 98 12.94 23.48 -22.27
CA GLY A 98 12.80 24.11 -23.58
C GLY A 98 14.12 24.45 -24.23
N THR A 99 15.13 23.55 -24.03
CA THR A 99 16.52 23.59 -24.53
C THR A 99 17.38 24.70 -23.87
N ASN A 100 16.83 25.91 -23.73
CA ASN A 100 17.56 27.04 -23.17
C ASN A 100 17.38 27.24 -21.68
N LEU A 101 16.28 26.72 -21.10
CA LEU A 101 15.99 26.95 -19.69
C LEU A 101 16.23 25.76 -18.75
N PRO A 102 16.52 26.06 -17.47
CA PRO A 102 16.67 24.98 -16.47
C PRO A 102 15.30 24.36 -16.12
N LEU A 103 15.27 23.07 -15.83
CA LEU A 103 14.04 22.36 -15.53
C LEU A 103 14.06 21.82 -14.10
N GLN A 104 12.92 21.90 -13.41
CA GLN A 104 12.79 21.35 -12.08
C GLN A 104 12.01 20.06 -12.23
N LEU A 105 12.66 18.95 -11.88
CA LEU A 105 12.14 17.60 -12.00
C LEU A 105 11.63 17.22 -10.63
N GLY A 106 10.36 16.90 -10.53
CA GLY A 106 9.75 16.55 -9.25
C GLY A 106 9.20 15.16 -9.28
N PHE A 107 9.38 14.41 -8.19
CA PHE A 107 8.92 13.03 -8.05
C PHE A 107 8.04 12.87 -6.80
N SER A 108 7.12 11.87 -6.82
CA SER A 108 6.24 11.67 -5.67
C SER A 108 6.99 11.16 -4.39
N THR A 109 8.32 10.95 -4.48
CA THR A 109 9.20 10.66 -3.34
C THR A 109 9.52 11.96 -2.53
N GLY A 110 9.08 13.12 -3.02
CA GLY A 110 9.34 14.43 -2.42
C GLY A 110 10.60 15.09 -2.97
N VAL A 111 11.31 14.42 -3.87
CA VAL A 111 12.55 14.92 -4.43
C VAL A 111 12.37 15.91 -5.61
N ASN A 112 13.12 17.04 -5.56
CA ASN A 112 13.16 17.99 -6.69
C ASN A 112 14.60 18.12 -7.12
N LEU A 113 14.88 17.87 -8.39
CA LEU A 113 16.21 18.02 -8.96
C LEU A 113 16.14 19.13 -10.01
N VAL A 114 17.13 20.02 -10.03
CA VAL A 114 17.17 21.04 -11.08
C VAL A 114 18.20 20.63 -12.13
N ALA A 115 17.77 20.48 -13.40
CA ALA A 115 18.63 20.11 -14.51
C ALA A 115 18.91 21.32 -15.38
N VAL A 116 20.20 21.68 -15.55
CA VAL A 116 20.61 22.79 -16.41
C VAL A 116 21.15 22.23 -17.72
N PRO A 117 20.80 22.85 -18.85
CA PRO A 117 21.25 22.33 -20.15
C PRO A 117 22.67 22.74 -20.56
N THR A 118 23.38 23.51 -19.71
CA THR A 118 24.73 24.03 -19.94
C THR A 118 25.66 23.11 -20.76
N PRO A 147 9.88 17.21 0.01
CA PRO A 147 10.16 18.63 -0.22
C PRO A 147 11.66 18.94 -0.30
N LEU A 148 12.47 17.96 -0.76
CA LEU A 148 13.92 18.14 -0.86
C LEU A 148 14.29 18.89 -2.15
N MET A 149 14.92 20.07 -2.03
CA MET A 149 15.30 20.88 -3.18
C MET A 149 16.79 20.80 -3.46
N TYR A 150 17.18 20.37 -4.68
CA TYR A 150 18.60 20.30 -5.02
C TYR A 150 18.95 21.40 -6.04
N LYS A 151 20.17 21.96 -5.96
CA LYS A 151 20.60 23.02 -6.87
C LYS A 151 20.91 22.50 -8.27
N GLY A 152 20.83 23.40 -9.27
CA GLY A 152 21.04 23.14 -10.69
C GLY A 152 22.32 22.40 -11.05
N LEU A 153 22.20 21.35 -11.87
CA LEU A 153 23.30 20.48 -12.27
C LEU A 153 23.05 19.94 -13.68
N PRO A 154 24.13 19.64 -14.45
CA PRO A 154 23.91 19.12 -15.80
C PRO A 154 23.25 17.74 -15.83
N TRP A 155 22.56 17.42 -16.94
CA TRP A 155 21.86 16.14 -17.09
C TRP A 155 22.70 14.86 -16.85
N ASN A 156 24.00 14.88 -17.18
CA ASN A 156 24.84 13.71 -16.99
C ASN A 156 24.95 13.30 -15.51
N VAL A 157 24.80 14.26 -14.59
CA VAL A 157 24.84 13.90 -13.16
C VAL A 157 23.40 13.74 -12.60
N VAL A 158 22.42 14.48 -13.16
CA VAL A 158 21.01 14.38 -12.78
C VAL A 158 20.50 12.95 -13.01
N ARG A 159 20.79 12.39 -14.19
CA ARG A 159 20.37 11.04 -14.53
C ARG A 159 20.89 9.97 -13.54
N ILE A 160 22.14 10.10 -13.03
CA ILE A 160 22.70 9.17 -12.02
C ILE A 160 21.86 9.20 -10.72
N LYS A 161 21.43 10.41 -10.29
CA LYS A 161 20.63 10.56 -9.09
C LYS A 161 19.22 9.95 -9.30
N ILE A 162 18.64 10.11 -10.52
CA ILE A 162 17.32 9.55 -10.85
C ILE A 162 17.36 8.03 -10.73
N VAL A 163 18.37 7.39 -11.34
CA VAL A 163 18.55 5.95 -11.26
C VAL A 163 18.70 5.49 -9.78
N GLN A 164 19.57 6.15 -8.98
CA GLN A 164 19.71 5.81 -7.56
C GLN A 164 18.37 5.92 -6.80
N MET A 165 17.68 7.06 -6.91
CA MET A 165 16.43 7.31 -6.21
C MET A 165 15.33 6.27 -6.52
N LEU A 166 15.08 5.99 -7.82
CA LEU A 166 14.11 4.99 -8.28
C LEU A 166 14.51 3.58 -7.82
N SER A 167 15.80 3.21 -7.95
CA SER A 167 16.27 1.91 -7.51
C SER A 167 16.06 1.70 -5.99
N ASP A 168 16.37 2.71 -5.15
CA ASP A 168 16.18 2.57 -3.70
C ASP A 168 14.70 2.55 -3.32
N THR A 169 13.87 3.29 -4.07
CA THR A 169 12.45 3.35 -3.78
C THR A 169 11.75 2.07 -4.22
N LEU A 170 12.12 1.53 -5.38
CA LEU A 170 11.40 0.43 -5.97
C LEU A 170 11.96 -0.97 -5.82
N LYS A 171 13.24 -1.16 -5.43
CA LYS A 171 13.81 -2.52 -5.42
C LYS A 171 13.00 -3.55 -4.63
N ASN A 172 12.43 -3.16 -3.51
CA ASN A 172 11.63 -4.05 -2.69
C ASN A 172 10.11 -4.00 -3.01
N LEU A 173 9.71 -3.26 -4.05
CA LEU A 173 8.30 -3.08 -4.40
C LEU A 173 7.90 -3.73 -5.70
N SER A 174 8.67 -3.49 -6.76
CA SER A 174 8.27 -3.86 -8.10
C SER A 174 9.44 -4.20 -9.03
N ASP A 175 9.13 -4.90 -10.13
CA ASP A 175 10.11 -5.20 -11.18
C ASP A 175 10.20 -4.06 -12.22
N ARG A 176 9.50 -2.92 -12.00
CA ARG A 176 9.45 -1.86 -12.98
C ARG A 176 9.17 -0.49 -12.36
N VAL A 177 9.06 0.55 -13.19
CA VAL A 177 8.63 1.90 -12.82
C VAL A 177 7.50 2.31 -13.74
N VAL A 178 6.45 2.93 -13.18
CA VAL A 178 5.34 3.50 -13.94
C VAL A 178 5.32 4.97 -13.56
N PHE A 179 5.75 5.85 -14.48
CA PHE A 179 5.71 7.29 -14.23
C PHE A 179 4.26 7.77 -14.42
N VAL A 180 3.66 8.28 -13.34
CA VAL A 180 2.29 8.77 -13.32
C VAL A 180 2.31 10.27 -13.58
N LEU A 181 1.77 10.67 -14.72
CA LEU A 181 1.80 12.04 -15.20
C LEU A 181 0.45 12.77 -15.22
N TRP A 182 0.53 14.09 -15.16
CA TRP A 182 -0.54 15.02 -15.47
C TRP A 182 0.18 15.86 -16.54
N ALA A 183 0.33 15.24 -17.72
CA ALA A 183 1.18 15.71 -18.78
C ALA A 183 0.84 17.07 -19.42
N HIS A 184 1.79 17.98 -19.34
CA HIS A 184 1.68 19.28 -19.97
C HIS A 184 2.76 19.54 -21.05
N GLY A 185 3.75 18.66 -21.18
CA GLY A 185 4.75 18.79 -22.25
C GLY A 185 6.20 18.62 -21.85
N PHE A 186 6.71 19.45 -20.91
CA PHE A 186 8.10 19.40 -20.48
C PHE A 186 8.50 18.06 -19.88
N GLU A 187 7.58 17.32 -19.23
CA GLU A 187 7.95 16.02 -18.64
C GLU A 187 8.20 14.99 -19.73
N LEU A 188 7.39 15.01 -20.80
CA LEU A 188 7.52 14.09 -21.92
C LEU A 188 8.78 14.37 -22.72
N THR A 189 9.06 15.65 -22.99
CA THR A 189 10.25 16.02 -23.76
C THR A 189 11.55 15.97 -22.92
N SER A 190 11.47 15.76 -21.60
CA SER A 190 12.67 15.63 -20.78
C SER A 190 13.12 14.16 -20.67
N MET A 191 12.25 13.21 -21.03
CA MET A 191 12.55 11.79 -20.86
C MET A 191 13.76 11.30 -21.66
N LYS A 192 14.00 11.86 -22.83
CA LYS A 192 15.15 11.50 -23.64
C LYS A 192 16.49 11.73 -22.93
N TYR A 193 16.53 12.62 -21.93
CA TYR A 193 17.76 12.91 -21.21
C TYR A 193 18.12 11.90 -20.13
N PHE A 194 17.19 11.01 -19.73
CA PHE A 194 17.51 10.02 -18.68
C PHE A 194 16.94 8.63 -18.95
N VAL A 195 16.25 8.44 -20.07
CA VAL A 195 15.60 7.19 -20.40
C VAL A 195 16.18 6.61 -21.69
N LYS A 196 16.42 5.30 -21.69
CA LYS A 196 16.77 4.56 -22.89
C LYS A 196 15.76 3.42 -23.03
N ILE A 197 15.42 3.10 -24.25
CA ILE A 197 14.48 2.02 -24.53
C ILE A 197 15.08 0.98 -25.50
N GLY A 198 14.49 -0.19 -25.53
CA GLY A 198 14.92 -1.26 -26.43
C GLY A 198 14.17 -2.52 -26.11
N PRO A 199 14.70 -3.68 -26.54
CA PRO A 199 14.04 -4.95 -26.19
C PRO A 199 14.07 -5.21 -24.70
N GLU A 200 13.14 -6.05 -24.21
CA GLU A 200 13.13 -6.46 -22.82
C GLU A 200 14.40 -7.26 -22.56
N ARG A 201 15.08 -6.92 -21.47
CA ARG A 201 16.35 -7.54 -21.13
C ARG A 201 16.35 -8.06 -19.72
N THR A 202 17.36 -8.88 -19.37
CA THR A 202 17.50 -9.37 -18.01
C THR A 202 18.71 -8.70 -17.36
N CYS A 203 18.74 -8.68 -16.03
CA CYS A 203 19.83 -8.10 -15.27
C CYS A 203 21.17 -8.82 -15.54
N CYS A 204 22.30 -8.10 -15.47
CA CYS A 204 23.63 -8.70 -15.68
C CYS A 204 24.06 -9.57 -14.50
N LEU A 205 23.50 -9.35 -13.30
CA LEU A 205 23.85 -10.09 -12.10
C LEU A 205 22.74 -10.99 -11.54
N CYS A 206 21.53 -10.97 -12.15
CA CYS A 206 20.44 -11.83 -11.69
C CYS A 206 19.38 -12.10 -12.80
N ASP A 207 18.31 -12.84 -12.48
CA ASP A 207 17.26 -13.21 -13.42
C ASP A 207 16.14 -12.19 -13.56
N ARG A 208 16.12 -11.13 -12.75
CA ARG A 208 15.08 -10.09 -12.84
C ARG A 208 15.15 -9.30 -14.14
N ARG A 209 14.03 -8.70 -14.59
CA ARG A 209 14.07 -7.89 -15.80
C ARG A 209 14.91 -6.63 -15.52
N ALA A 210 15.53 -6.13 -16.58
CA ALA A 210 16.36 -4.94 -16.50
C ALA A 210 15.49 -3.68 -16.40
N THR A 211 15.89 -2.80 -15.50
CA THR A 211 15.24 -1.51 -15.30
C THR A 211 16.20 -0.33 -15.49
N CYS A 212 17.49 -0.58 -15.63
CA CYS A 212 18.54 0.43 -15.74
C CYS A 212 19.59 0.03 -16.79
N PHE A 213 20.26 1.02 -17.34
CA PHE A 213 21.33 0.81 -18.30
C PHE A 213 22.52 1.66 -17.89
N SER A 214 23.73 1.15 -18.17
CA SER A 214 24.94 1.91 -17.90
C SER A 214 25.73 2.19 -19.16
N THR A 215 25.98 3.49 -19.49
CA THR A 215 26.81 3.85 -20.63
C THR A 215 28.30 3.60 -20.33
N ALA A 216 28.70 3.52 -19.06
CA ALA A 216 30.08 3.27 -18.68
C ALA A 216 30.45 1.83 -19.08
N SER A 217 29.63 0.83 -18.71
CA SER A 217 29.95 -0.57 -18.99
C SER A 217 29.16 -1.24 -20.12
N ASP A 218 28.20 -0.55 -20.75
CA ASP A 218 27.32 -1.14 -21.77
C ASP A 218 26.50 -2.34 -21.21
N THR A 219 26.14 -2.30 -19.92
CA THR A 219 25.41 -3.38 -19.28
C THR A 219 24.01 -2.94 -18.76
N TYR A 220 23.20 -3.92 -18.33
CA TYR A 220 21.84 -3.73 -17.83
C TYR A 220 21.71 -4.31 -16.44
N ALA A 221 20.86 -3.68 -15.64
CA ALA A 221 20.64 -4.12 -14.27
C ALA A 221 19.21 -3.94 -13.83
N CYS A 222 18.79 -4.71 -12.81
CA CYS A 222 17.49 -4.53 -12.18
C CYS A 222 17.67 -3.41 -11.11
N TRP A 223 16.62 -3.10 -10.33
CA TRP A 223 16.72 -2.06 -9.30
C TRP A 223 17.70 -2.48 -8.18
N HIS A 224 17.91 -3.81 -7.96
CA HIS A 224 18.83 -4.26 -6.89
C HIS A 224 20.29 -4.16 -7.28
N HIS A 225 20.63 -4.18 -8.60
CA HIS A 225 22.04 -4.24 -9.01
C HIS A 225 22.50 -3.07 -9.85
N SER A 226 21.84 -1.93 -9.72
CA SER A 226 22.08 -0.77 -10.57
C SER A 226 23.00 0.32 -10.02
N ILE A 227 23.77 0.05 -8.96
CA ILE A 227 24.66 1.08 -8.39
C ILE A 227 25.64 1.60 -9.44
N GLY A 228 25.67 2.92 -9.63
CA GLY A 228 26.52 3.51 -10.66
C GLY A 228 25.89 3.57 -12.05
N PHE A 229 24.65 3.07 -12.21
CA PHE A 229 23.99 3.10 -13.52
C PHE A 229 23.43 4.50 -13.79
N ASP A 230 23.46 4.92 -15.05
CA ASP A 230 23.06 6.29 -15.40
C ASP A 230 21.77 6.42 -16.22
N TYR A 231 21.21 5.34 -16.79
CA TYR A 231 19.94 5.48 -17.53
C TYR A 231 18.82 4.60 -17.01
N VAL A 232 17.59 5.14 -16.99
CA VAL A 232 16.40 4.38 -16.65
C VAL A 232 16.10 3.62 -17.96
N TYR A 233 15.95 2.31 -17.88
CA TYR A 233 15.72 1.48 -19.07
C TYR A 233 14.30 0.91 -19.13
N ASN A 234 13.63 1.05 -20.28
CA ASN A 234 12.25 0.58 -20.50
C ASN A 234 11.26 0.92 -19.37
N PRO A 235 11.18 2.20 -18.95
CA PRO A 235 10.17 2.57 -17.97
C PRO A 235 8.78 2.55 -18.62
N PHE A 236 7.74 2.59 -17.79
CA PHE A 236 6.37 2.68 -18.28
C PHE A 236 5.79 3.99 -17.76
N MET A 237 4.70 4.45 -18.37
CA MET A 237 4.09 5.71 -18.00
C MET A 237 2.62 5.74 -18.35
N ILE A 238 1.90 6.64 -17.70
CA ILE A 238 0.48 6.84 -17.91
C ILE A 238 0.15 8.30 -17.67
N ASP A 239 -0.62 8.89 -18.56
CA ASP A 239 -1.04 10.28 -18.41
C ASP A 239 -2.49 10.30 -17.94
N VAL A 240 -2.69 10.67 -16.65
CA VAL A 240 -3.96 10.81 -15.93
C VAL A 240 -4.91 11.76 -16.70
N GLN A 241 -4.36 12.79 -17.35
CA GLN A 241 -5.17 13.70 -18.16
C GLN A 241 -5.97 12.97 -19.24
N GLN A 242 -5.52 11.79 -19.71
CA GLN A 242 -6.25 11.05 -20.73
C GLN A 242 -7.57 10.43 -20.25
N TRP A 243 -7.81 10.44 -18.95
CA TRP A 243 -8.95 9.77 -18.36
C TRP A 243 -10.27 10.56 -18.41
N GLY A 244 -10.22 11.82 -18.83
CA GLY A 244 -11.43 12.63 -18.92
C GLY A 244 -11.68 13.47 -17.70
N PHE A 245 -10.96 14.58 -17.58
CA PHE A 245 -11.13 15.47 -16.44
C PHE A 245 -11.41 16.88 -16.93
N THR A 246 -12.09 17.65 -16.11
CA THR A 246 -12.34 19.05 -16.38
C THR A 246 -11.53 19.82 -15.36
N GLY A 247 -10.82 20.84 -15.82
CA GLY A 247 -10.04 21.66 -14.91
C GLY A 247 -8.66 21.11 -14.65
N ASN A 248 -7.87 21.89 -13.93
CA ASN A 248 -6.49 21.57 -13.67
C ASN A 248 -6.29 20.49 -12.58
N LEU A 249 -5.04 20.05 -12.41
CA LEU A 249 -4.65 19.03 -11.45
C LEU A 249 -5.12 19.38 -10.04
N GLN A 250 -4.74 20.57 -9.52
CA GLN A 250 -5.10 20.93 -8.14
C GLN A 250 -6.60 20.93 -7.88
N SER A 251 -7.41 21.43 -8.83
CA SER A 251 -8.86 21.45 -8.65
C SER A 251 -9.45 20.02 -8.57
N ASN A 252 -8.91 19.06 -9.33
CA ASN A 252 -9.40 17.69 -9.28
C ASN A 252 -8.88 16.94 -8.04
N HIS A 253 -7.58 17.09 -7.72
CA HIS A 253 -6.98 16.47 -6.54
C HIS A 253 -7.69 16.96 -5.26
N ASP A 254 -7.90 18.29 -5.11
CA ASP A 254 -8.48 18.86 -3.89
C ASP A 254 -9.93 18.47 -3.62
N LEU A 255 -10.64 17.96 -4.62
CA LEU A 255 -12.02 17.48 -4.44
C LEU A 255 -12.07 16.28 -3.45
N TYR A 256 -10.97 15.52 -3.37
CA TYR A 256 -10.89 14.28 -2.59
C TYR A 256 -9.83 14.28 -1.51
N CYS A 257 -8.89 15.24 -1.51
CA CYS A 257 -7.78 15.19 -0.56
C CYS A 257 -7.39 16.54 -0.01
N GLN A 258 -7.21 16.61 1.31
CA GLN A 258 -6.82 17.83 1.99
C GLN A 258 -5.42 17.77 2.62
N VAL A 259 -4.71 16.63 2.47
CA VAL A 259 -3.42 16.37 3.10
C VAL A 259 -2.21 16.80 2.25
N HIS A 260 -2.37 16.87 0.92
CA HIS A 260 -1.30 17.30 0.04
C HIS A 260 -1.56 18.71 -0.40
N GLY A 261 -0.63 19.62 -0.11
CA GLY A 261 -0.78 21.01 -0.50
C GLY A 261 -0.16 21.32 -1.83
N ASN A 262 -0.17 22.60 -2.22
CA ASN A 262 0.47 23.00 -3.45
C ASN A 262 1.52 24.05 -3.15
N ALA A 263 2.70 23.63 -2.66
CA ALA A 263 3.78 24.57 -2.38
C ALA A 263 4.42 25.14 -3.64
N HIS A 264 3.79 24.94 -4.83
CA HIS A 264 4.20 25.38 -6.15
C HIS A 264 5.59 24.86 -6.58
N VAL A 265 5.92 23.61 -6.19
CA VAL A 265 7.15 22.95 -6.62
C VAL A 265 6.75 21.66 -7.33
N ALA A 266 7.61 21.21 -8.24
CA ALA A 266 7.33 20.06 -9.06
C ALA A 266 6.95 18.79 -8.29
N SER A 267 7.61 18.52 -7.15
CA SER A 267 7.29 17.33 -6.37
C SER A 267 5.87 17.40 -5.81
N CYS A 268 5.34 18.62 -5.47
CA CYS A 268 3.97 18.77 -4.99
C CYS A 268 2.97 18.30 -6.06
N ASP A 269 3.20 18.68 -7.31
CA ASP A 269 2.37 18.25 -8.43
C ASP A 269 2.51 16.73 -8.65
N ALA A 270 3.75 16.19 -8.58
CA ALA A 270 4.00 14.76 -8.74
C ALA A 270 3.21 13.94 -7.69
N ILE A 271 3.23 14.40 -6.43
CA ILE A 271 2.52 13.78 -5.30
C ILE A 271 1.00 13.85 -5.52
N MET A 272 0.48 15.02 -5.90
CA MET A 272 -0.95 15.22 -6.17
C MET A 272 -1.44 14.33 -7.32
N THR A 273 -0.60 14.17 -8.37
CA THR A 273 -0.96 13.40 -9.58
C THR A 273 -1.12 11.92 -9.20
N ARG A 274 -0.12 11.37 -8.49
CA ARG A 274 -0.16 9.99 -8.02
C ARG A 274 -1.36 9.81 -7.05
N CYS A 275 -1.60 10.76 -6.11
CA CYS A 275 -2.73 10.69 -5.18
C CYS A 275 -4.07 10.66 -5.94
N LEU A 276 -4.23 11.52 -6.98
CA LEU A 276 -5.46 11.55 -7.76
C LEU A 276 -5.66 10.22 -8.48
N ALA A 277 -4.56 9.65 -9.03
CA ALA A 277 -4.57 8.35 -9.71
C ALA A 277 -5.01 7.23 -8.74
N VAL A 278 -4.46 7.24 -7.50
CA VAL A 278 -4.87 6.27 -6.47
C VAL A 278 -6.36 6.45 -6.14
N HIS A 279 -6.84 7.69 -5.99
CA HIS A 279 -8.26 7.93 -5.70
C HIS A 279 -9.17 7.36 -6.81
N GLU A 280 -8.81 7.58 -8.07
CA GLU A 280 -9.60 7.10 -9.20
C GLU A 280 -9.63 5.59 -9.36
N CYS A 281 -8.53 4.94 -9.03
CA CYS A 281 -8.34 3.52 -9.24
C CYS A 281 -8.60 2.63 -8.03
N PHE A 282 -8.51 3.18 -6.81
CA PHE A 282 -8.63 2.38 -5.59
C PHE A 282 -9.61 2.95 -4.56
N VAL A 283 -10.10 4.19 -4.76
CA VAL A 283 -11.03 4.78 -3.80
C VAL A 283 -12.43 4.81 -4.38
N LYS A 284 -12.64 5.51 -5.51
CA LYS A 284 -13.94 5.58 -6.15
C LYS A 284 -14.29 4.29 -6.90
N ARG A 285 -13.26 3.58 -7.40
CA ARG A 285 -13.40 2.31 -8.10
C ARG A 285 -12.60 1.27 -7.27
N VAL A 286 -13.15 0.07 -7.09
CA VAL A 286 -12.45 -0.98 -6.31
C VAL A 286 -12.47 -2.29 -7.06
N ASP A 287 -11.32 -2.97 -7.16
CA ASP A 287 -11.27 -4.29 -7.76
C ASP A 287 -10.51 -5.26 -6.84
N TRP A 288 -11.25 -6.07 -6.08
CA TRP A 288 -10.62 -7.04 -5.19
C TRP A 288 -10.24 -8.38 -5.90
N THR A 289 -10.59 -8.53 -7.18
CA THR A 289 -10.22 -9.73 -7.93
C THR A 289 -8.75 -9.69 -8.40
N ILE A 290 -8.16 -8.49 -8.49
CA ILE A 290 -6.78 -8.35 -8.92
C ILE A 290 -5.86 -8.86 -7.84
N GLU A 291 -5.02 -9.82 -8.22
CA GLU A 291 -4.03 -10.47 -7.38
C GLU A 291 -2.68 -9.75 -7.57
N TYR A 292 -1.91 -9.60 -6.50
CA TYR A 292 -0.61 -8.93 -6.52
C TYR A 292 0.44 -9.91 -6.03
N PRO A 293 1.66 -9.87 -6.62
CA PRO A 293 2.70 -10.82 -6.20
C PRO A 293 3.18 -10.71 -4.74
N ILE A 294 3.76 -11.82 -4.23
CA ILE A 294 4.32 -11.86 -2.89
C ILE A 294 5.69 -11.20 -2.91
N ILE A 295 5.86 -10.09 -2.20
CA ILE A 295 7.14 -9.37 -2.16
C ILE A 295 7.78 -9.30 -0.76
N GLY A 296 7.07 -9.78 0.26
CA GLY A 296 7.54 -9.72 1.62
C GLY A 296 6.95 -10.78 2.52
N ASP A 297 6.52 -10.36 3.73
CA ASP A 297 6.01 -11.26 4.77
C ASP A 297 4.52 -11.48 4.73
N GLU A 298 3.89 -11.32 3.54
CA GLU A 298 2.44 -11.48 3.38
C GLU A 298 1.87 -12.74 4.06
N LEU A 299 2.42 -13.92 3.75
CA LEU A 299 1.89 -15.16 4.28
C LEU A 299 1.97 -15.26 5.78
N LYS A 300 3.10 -14.84 6.38
CA LYS A 300 3.30 -14.87 7.82
C LYS A 300 2.37 -13.90 8.51
N ILE A 301 2.19 -12.69 7.95
CA ILE A 301 1.29 -11.67 8.49
C ILE A 301 -0.15 -12.18 8.48
N ASN A 302 -0.59 -12.76 7.35
CA ASN A 302 -1.95 -13.26 7.24
C ASN A 302 -2.20 -14.43 8.20
N ALA A 303 -1.22 -15.34 8.35
CA ALA A 303 -1.34 -16.46 9.29
C ALA A 303 -1.36 -15.94 10.74
N ALA A 304 -0.55 -14.92 11.03
CA ALA A 304 -0.47 -14.33 12.36
C ALA A 304 -1.80 -13.66 12.70
N CYS A 305 -2.41 -12.95 11.74
CA CYS A 305 -3.70 -12.30 11.90
C CYS A 305 -4.78 -13.29 12.30
N ARG A 306 -4.78 -14.48 11.66
CA ARG A 306 -5.76 -15.51 11.95
C ARG A 306 -5.53 -16.09 13.38
N LYS A 307 -4.25 -16.25 13.75
CA LYS A 307 -3.91 -16.79 15.07
C LYS A 307 -4.26 -15.83 16.19
N VAL A 308 -3.95 -14.54 16.00
CA VAL A 308 -4.23 -13.49 16.98
C VAL A 308 -5.74 -13.31 17.13
N GLN A 309 -6.51 -13.33 16.02
CA GLN A 309 -7.97 -13.17 16.09
C GLN A 309 -8.59 -14.30 16.89
N HIS A 310 -8.20 -15.55 16.60
CA HIS A 310 -8.71 -16.71 17.33
C HIS A 310 -8.39 -16.59 18.85
N MET A 311 -7.13 -16.23 19.18
CA MET A 311 -6.67 -16.10 20.56
C MET A 311 -7.48 -15.06 21.36
N VAL A 312 -7.59 -13.85 20.81
CA VAL A 312 -8.24 -12.72 21.47
C VAL A 312 -9.73 -12.91 21.65
N VAL A 313 -10.39 -13.44 20.65
CA VAL A 313 -11.84 -13.63 20.71
C VAL A 313 -12.19 -14.74 21.65
N LYS A 314 -11.46 -15.88 21.53
CA LYS A 314 -11.64 -17.01 22.44
C LYS A 314 -11.48 -16.60 23.91
N ALA A 315 -10.44 -15.81 24.21
CA ALA A 315 -10.18 -15.35 25.58
C ALA A 315 -11.24 -14.36 26.04
N ALA A 316 -11.73 -13.46 25.17
CA ALA A 316 -12.76 -12.50 25.56
C ALA A 316 -14.07 -13.25 25.92
N LEU A 317 -14.39 -14.30 25.16
CA LEU A 317 -15.58 -15.10 25.43
C LEU A 317 -15.42 -15.91 26.73
N LEU A 318 -14.24 -16.45 27.02
CA LEU A 318 -14.02 -17.20 28.26
C LEU A 318 -14.02 -16.27 29.46
N ALA A 319 -13.40 -15.09 29.33
CA ALA A 319 -13.27 -14.16 30.45
C ALA A 319 -14.58 -13.46 30.83
N ASP A 320 -15.41 -13.10 29.83
CA ASP A 320 -16.63 -12.35 30.13
C ASP A 320 -17.93 -13.08 29.79
N LYS A 321 -17.86 -14.25 29.16
CA LYS A 321 -19.01 -15.10 28.87
C LYS A 321 -20.18 -14.38 28.18
N PHE A 322 -19.89 -13.61 27.12
CA PHE A 322 -20.93 -12.92 26.37
C PHE A 322 -21.88 -13.95 25.77
N PRO A 323 -23.20 -13.74 25.93
CA PRO A 323 -24.16 -14.67 25.34
C PRO A 323 -24.27 -14.52 23.80
N VAL A 324 -23.92 -13.33 23.26
CA VAL A 324 -23.99 -13.08 21.83
C VAL A 324 -22.76 -12.29 21.32
N LEU A 325 -22.32 -12.60 20.10
CA LEU A 325 -21.23 -11.90 19.42
C LEU A 325 -21.75 -11.37 18.07
N HIS A 326 -21.57 -10.07 17.83
CA HIS A 326 -21.96 -9.41 16.59
C HIS A 326 -20.68 -9.24 15.75
N ASP A 327 -20.53 -10.07 14.72
CA ASP A 327 -19.35 -10.10 13.87
C ASP A 327 -19.60 -9.18 12.68
N ILE A 328 -19.03 -7.98 12.72
CA ILE A 328 -19.27 -6.99 11.68
C ILE A 328 -18.11 -6.80 10.73
N GLY A 329 -18.35 -7.02 9.44
CA GLY A 329 -17.30 -6.86 8.45
C GLY A 329 -17.43 -7.78 7.27
N ASN A 330 -16.28 -8.27 6.78
CA ASN A 330 -16.20 -9.11 5.57
C ASN A 330 -17.38 -10.08 5.38
N PRO A 331 -18.19 -9.87 4.31
CA PRO A 331 -19.34 -10.78 4.09
C PRO A 331 -18.94 -12.25 3.93
N LYS A 332 -17.65 -12.56 3.71
CA LYS A 332 -17.20 -13.94 3.64
C LYS A 332 -16.55 -14.46 4.93
N ALA A 333 -16.82 -13.82 6.08
CA ALA A 333 -16.23 -14.27 7.35
C ALA A 333 -16.80 -15.60 7.82
N ILE A 334 -15.92 -16.37 8.47
CA ILE A 334 -16.14 -17.66 9.11
C ILE A 334 -15.96 -17.41 10.62
N LYS A 335 -16.65 -18.17 11.51
CA LYS A 335 -16.45 -18.03 12.97
C LYS A 335 -14.96 -18.27 13.32
N CYS A 336 -14.30 -17.28 13.94
CA CYS A 336 -12.89 -17.44 14.31
C CYS A 336 -12.71 -18.37 15.52
N VAL A 337 -13.77 -18.60 16.33
CA VAL A 337 -13.76 -19.52 17.46
C VAL A 337 -14.94 -20.49 17.27
N PRO A 338 -14.78 -21.46 16.35
CA PRO A 338 -15.89 -22.39 16.03
C PRO A 338 -16.45 -23.21 17.19
N GLN A 339 -15.64 -23.49 18.21
CA GLN A 339 -16.10 -24.29 19.33
C GLN A 339 -16.82 -23.48 20.43
N ALA A 340 -16.77 -22.13 20.37
CA ALA A 340 -17.41 -21.29 21.40
C ALA A 340 -18.93 -21.45 21.48
N ASP A 341 -19.47 -21.46 22.70
CA ASP A 341 -20.90 -21.63 22.97
C ASP A 341 -21.80 -20.51 22.42
N VAL A 342 -21.28 -19.29 22.39
CA VAL A 342 -21.91 -18.03 22.01
C VAL A 342 -22.83 -18.07 20.75
N GLU A 343 -23.84 -17.19 20.75
CA GLU A 343 -24.71 -17.03 19.58
C GLU A 343 -23.92 -16.11 18.64
N TRP A 344 -23.45 -16.64 17.52
CA TRP A 344 -22.62 -15.88 16.59
C TRP A 344 -23.49 -15.29 15.48
N LYS A 345 -23.58 -13.96 15.39
CA LYS A 345 -24.40 -13.31 14.36
C LYS A 345 -23.50 -12.46 13.47
N PHE A 346 -23.61 -12.64 12.14
CA PHE A 346 -22.78 -11.95 11.17
C PHE A 346 -23.53 -10.78 10.49
N TYR A 347 -22.80 -9.69 10.21
CA TYR A 347 -23.29 -8.48 9.56
C TYR A 347 -22.30 -8.16 8.46
N ASP A 348 -22.82 -7.97 7.25
CA ASP A 348 -21.99 -7.75 6.07
C ASP A 348 -21.63 -6.30 5.89
N ALA A 349 -20.34 -6.05 5.76
CA ALA A 349 -19.82 -4.75 5.43
C ALA A 349 -18.50 -4.97 4.70
N GLN A 350 -18.45 -4.56 3.45
CA GLN A 350 -17.23 -4.65 2.65
C GLN A 350 -16.21 -3.68 3.24
N PRO A 351 -14.89 -3.89 2.97
CA PRO A 351 -13.89 -2.94 3.49
C PRO A 351 -14.14 -1.52 2.98
N CYS A 352 -14.15 -0.51 3.86
CA CYS A 352 -14.38 0.86 3.38
C CYS A 352 -13.06 1.39 2.84
N SER A 353 -13.09 1.99 1.67
CA SER A 353 -11.88 2.52 1.04
C SER A 353 -11.82 4.04 1.01
N ASP A 354 -12.97 4.72 1.27
CA ASP A 354 -13.01 6.16 1.19
C ASP A 354 -12.98 6.74 2.61
N LYS A 355 -14.14 6.84 3.26
CA LYS A 355 -14.20 7.29 4.65
C LYS A 355 -14.56 6.11 5.54
N ALA A 356 -14.19 6.17 6.83
CA ALA A 356 -14.58 5.12 7.78
C ALA A 356 -16.11 5.08 7.89
N TYR A 357 -16.71 3.90 8.08
CA TYR A 357 -18.15 3.79 8.25
C TYR A 357 -18.62 4.58 9.46
N LYS A 358 -19.79 5.21 9.36
CA LYS A 358 -20.37 5.89 10.51
C LYS A 358 -21.06 4.78 11.31
N ILE A 359 -20.75 4.63 12.62
CA ILE A 359 -21.40 3.59 13.43
C ILE A 359 -22.96 3.73 13.41
N GLU A 360 -23.48 4.96 13.19
CA GLU A 360 -24.93 5.17 13.11
C GLU A 360 -25.52 4.48 11.86
N GLU A 361 -24.81 4.50 10.72
CA GLU A 361 -25.32 3.83 9.53
C GLU A 361 -25.22 2.29 9.66
N LEU A 362 -24.10 1.77 10.19
CA LEU A 362 -23.94 0.32 10.37
C LEU A 362 -24.97 -0.27 11.32
N PHE A 363 -25.28 0.43 12.41
CA PHE A 363 -26.15 -0.10 13.44
C PHE A 363 -27.59 0.33 13.40
N TYR A 364 -27.86 1.58 13.00
CA TYR A 364 -29.23 2.09 13.08
C TYR A 364 -29.91 2.19 11.73
N SER A 365 -31.23 2.02 11.78
CA SER A 365 -32.24 1.97 10.72
C SER A 365 -32.97 0.62 10.78
N TYR A 366 -33.32 0.20 12.01
CA TYR A 366 -34.03 -1.02 12.38
C TYR A 366 -33.35 -2.31 11.87
N HIS A 369 -30.79 -9.47 12.51
CA HIS A 369 -30.03 -8.74 13.52
C HIS A 369 -30.67 -8.92 14.86
N SER A 370 -29.85 -9.09 15.91
CA SER A 370 -30.39 -9.11 17.27
C SER A 370 -31.04 -7.73 17.61
N ASP A 371 -30.73 -6.67 16.79
CA ASP A 371 -31.11 -5.26 16.89
C ASP A 371 -30.25 -4.62 17.97
N LYS A 372 -30.21 -5.27 19.15
CA LYS A 372 -29.44 -4.82 20.27
C LYS A 372 -27.96 -5.19 20.13
N PHE A 373 -27.20 -4.29 19.48
CA PHE A 373 -25.76 -4.41 19.39
C PHE A 373 -25.10 -4.17 20.76
N THR A 374 -25.84 -3.60 21.73
CA THR A 374 -25.47 -3.36 23.13
C THR A 374 -25.44 -4.69 23.93
N ASP A 375 -26.10 -5.75 23.44
CA ASP A 375 -26.07 -7.06 24.07
C ASP A 375 -24.79 -7.76 23.62
N GLY A 376 -24.10 -8.39 24.55
CA GLY A 376 -22.88 -9.13 24.29
C GLY A 376 -21.73 -8.28 23.80
N VAL A 377 -20.99 -8.80 22.81
CA VAL A 377 -19.82 -8.09 22.30
C VAL A 377 -19.84 -7.91 20.77
N CYS A 378 -19.18 -6.87 20.26
CA CYS A 378 -19.10 -6.62 18.82
C CYS A 378 -17.66 -6.86 18.41
N LEU A 379 -17.48 -7.58 17.30
CA LEU A 379 -16.17 -7.86 16.76
C LEU A 379 -16.02 -7.08 15.47
N PHE A 380 -15.04 -6.18 15.41
CA PHE A 380 -14.73 -5.35 14.23
C PHE A 380 -13.30 -5.68 13.79
N TRP A 381 -13.13 -6.79 13.07
CA TRP A 381 -11.81 -7.22 12.62
C TRP A 381 -11.54 -6.62 11.24
N ASN A 382 -10.80 -5.50 11.22
CA ASN A 382 -10.50 -4.71 10.04
C ASN A 382 -11.75 -4.08 9.43
N CYS A 383 -12.77 -3.77 10.24
CA CYS A 383 -13.97 -3.09 9.74
C CYS A 383 -13.85 -1.67 10.32
N ASN A 384 -13.41 -0.72 9.49
CA ASN A 384 -13.05 0.62 9.94
C ASN A 384 -14.25 1.52 10.17
N VAL A 385 -14.52 1.85 11.44
CA VAL A 385 -15.64 2.69 11.79
C VAL A 385 -15.15 3.99 12.48
N ASP A 386 -15.96 5.06 12.42
CA ASP A 386 -15.62 6.36 12.99
C ASP A 386 -15.46 6.34 14.56
N ARG A 387 -16.28 5.54 15.24
CA ARG A 387 -16.24 5.48 16.70
C ARG A 387 -16.81 4.17 17.14
N TYR A 388 -15.96 3.29 17.65
CA TYR A 388 -16.37 1.96 18.09
C TYR A 388 -17.21 2.01 19.38
N PRO A 389 -18.21 1.14 19.48
CA PRO A 389 -18.96 1.04 20.74
C PRO A 389 -18.08 0.51 21.86
N ALA A 390 -18.46 0.81 23.10
CA ALA A 390 -17.72 0.38 24.27
C ALA A 390 -17.59 -1.15 24.37
N ASN A 391 -18.61 -1.92 23.94
CA ASN A 391 -18.55 -3.39 24.04
C ASN A 391 -17.89 -4.02 22.79
N SER A 392 -16.65 -3.59 22.43
CA SER A 392 -16.02 -4.08 21.21
C SER A 392 -14.64 -4.73 21.38
N ILE A 393 -14.29 -5.62 20.42
CA ILE A 393 -13.00 -6.27 20.13
C ILE A 393 -12.63 -5.73 18.75
N VAL A 394 -11.49 -5.01 18.63
CA VAL A 394 -11.16 -4.34 17.37
C VAL A 394 -9.75 -4.59 16.86
N CYS A 395 -9.63 -4.84 15.56
CA CYS A 395 -8.36 -4.83 14.87
C CYS A 395 -8.46 -3.71 13.82
N ARG A 396 -7.64 -2.68 13.95
CA ARG A 396 -7.66 -1.56 13.03
C ARG A 396 -6.25 -1.31 12.48
N PHE A 397 -6.12 -1.32 11.16
CA PHE A 397 -4.87 -1.08 10.45
C PHE A 397 -4.46 0.39 10.61
N ASP A 398 -3.22 0.60 11.04
CA ASP A 398 -2.65 1.94 11.22
C ASP A 398 -1.97 2.28 9.91
N THR A 399 -2.62 3.16 9.13
CA THR A 399 -2.19 3.64 7.81
C THR A 399 -0.84 4.36 7.85
N ARG A 400 -0.40 4.85 9.04
CA ARG A 400 0.86 5.56 9.14
C ARG A 400 2.08 4.63 9.10
N VAL A 401 1.89 3.31 9.22
CA VAL A 401 3.00 2.36 9.29
C VAL A 401 3.88 2.36 8.04
N LEU A 402 5.21 2.33 8.24
CA LEU A 402 6.15 2.27 7.12
C LEU A 402 6.50 0.80 6.82
N SER A 403 6.16 0.33 5.61
CA SER A 403 6.48 -1.03 5.15
C SER A 403 6.39 -1.13 3.61
N ASN A 404 6.98 -2.19 3.04
CA ASN A 404 6.90 -2.46 1.60
C ASN A 404 5.47 -2.82 1.15
N LEU A 405 4.58 -3.22 2.09
CA LEU A 405 3.20 -3.54 1.73
C LEU A 405 2.31 -2.30 1.72
N ASN A 406 2.65 -1.29 2.50
CA ASN A 406 1.84 -0.11 2.70
C ASN A 406 2.33 1.06 1.87
N LEU A 407 1.55 1.40 0.86
CA LEU A 407 1.90 2.49 -0.05
C LEU A 407 1.16 3.76 0.38
N PRO A 408 1.74 4.96 0.11
CA PRO A 408 1.03 6.21 0.43
C PRO A 408 -0.28 6.31 -0.35
N GLY A 409 -1.31 6.84 0.31
CA GLY A 409 -2.63 6.92 -0.26
C GLY A 409 -3.23 8.31 -0.35
N CYS A 410 -4.56 8.36 -0.43
N CYS A 410 -4.57 8.37 -0.39
CA CYS A 410 -5.35 9.57 -0.62
CA CYS A 410 -5.36 9.59 -0.51
C CYS A 410 -5.98 10.09 0.68
C CYS A 410 -5.86 10.09 0.79
N ASP A 411 -5.86 11.42 0.94
CA ASP A 411 -6.43 12.09 2.10
C ASP A 411 -6.05 11.48 3.48
N GLY A 412 -4.78 11.14 3.65
CA GLY A 412 -4.32 10.53 4.89
C GLY A 412 -4.38 9.01 4.90
N GLY A 413 -5.19 8.44 4.01
CA GLY A 413 -5.32 7.00 3.90
C GLY A 413 -4.08 6.38 3.29
N SER A 414 -4.02 5.05 3.27
CA SER A 414 -2.89 4.33 2.70
C SER A 414 -3.41 3.17 1.89
N LEU A 415 -2.59 2.71 0.94
CA LEU A 415 -2.94 1.61 0.07
C LEU A 415 -2.22 0.39 0.54
N TYR A 416 -2.93 -0.49 1.25
CA TYR A 416 -2.29 -1.69 1.80
C TYR A 416 -2.40 -2.78 0.76
N VAL A 417 -1.25 -3.25 0.25
CA VAL A 417 -1.24 -4.26 -0.81
C VAL A 417 -0.68 -5.59 -0.32
N ASN A 418 -1.55 -6.55 -0.04
CA ASN A 418 -1.18 -7.86 0.48
C ASN A 418 -2.20 -8.80 -0.14
N LYS A 419 -1.78 -9.47 -1.23
CA LYS A 419 -2.54 -10.34 -2.14
C LYS A 419 -3.52 -9.47 -2.94
N HIS A 420 -4.32 -8.64 -2.25
CA HIS A 420 -5.22 -7.69 -2.90
C HIS A 420 -4.89 -6.26 -2.46
N ALA A 421 -5.39 -5.26 -3.18
CA ALA A 421 -5.16 -3.86 -2.83
C ALA A 421 -6.33 -3.31 -2.03
N PHE A 422 -6.06 -2.74 -0.86
CA PHE A 422 -7.09 -2.17 -0.01
C PHE A 422 -6.77 -0.76 0.38
N HIS A 423 -7.44 0.25 -0.22
CA HIS A 423 -7.24 1.62 0.24
C HIS A 423 -7.95 1.74 1.59
N THR A 424 -7.22 2.17 2.63
CA THR A 424 -7.72 2.23 4.00
C THR A 424 -7.82 3.66 4.47
N PRO A 425 -8.95 4.09 5.04
CA PRO A 425 -9.06 5.47 5.54
C PRO A 425 -8.05 5.79 6.64
N ALA A 426 -7.64 7.06 6.72
CA ALA A 426 -6.68 7.53 7.70
C ALA A 426 -6.94 7.02 9.13
N PHE A 427 -5.87 6.52 9.76
CA PHE A 427 -5.92 6.08 11.15
C PHE A 427 -6.28 7.29 12.04
N ASP A 428 -7.20 7.08 12.97
CA ASP A 428 -7.67 8.16 13.82
C ASP A 428 -7.83 7.63 15.25
N LYS A 429 -6.98 8.09 16.17
CA LYS A 429 -6.99 7.68 17.58
C LYS A 429 -8.33 7.92 18.28
N SER A 430 -9.09 8.92 17.84
CA SER A 430 -10.39 9.21 18.44
C SER A 430 -11.46 8.12 18.17
N ALA A 431 -11.23 7.22 17.20
CA ALA A 431 -12.16 6.11 16.95
C ALA A 431 -12.26 5.14 18.16
N PHE A 432 -11.19 5.08 18.96
CA PHE A 432 -11.02 4.14 20.06
C PHE A 432 -11.27 4.75 21.47
N VAL A 433 -11.91 5.92 21.58
CA VAL A 433 -12.15 6.56 22.89
C VAL A 433 -12.94 5.70 23.89
N ASN A 434 -13.83 4.79 23.45
CA ASN A 434 -14.57 3.94 24.40
C ASN A 434 -13.82 2.63 24.75
N LEU A 435 -12.62 2.42 24.20
CA LEU A 435 -11.87 1.19 24.39
C LEU A 435 -10.47 1.47 24.98
N LYS A 436 -9.70 0.41 25.18
CA LYS A 436 -8.32 0.51 25.60
C LYS A 436 -7.48 -0.38 24.65
N GLN A 437 -6.16 -0.18 24.63
CA GLN A 437 -5.27 -1.02 23.84
C GLN A 437 -5.30 -2.43 24.45
N LEU A 438 -5.40 -3.45 23.61
CA LEU A 438 -5.40 -4.82 24.10
C LEU A 438 -3.96 -5.20 24.47
N PRO A 439 -3.68 -5.56 25.75
CA PRO A 439 -2.31 -5.99 26.09
C PRO A 439 -1.98 -7.35 25.47
N PHE A 440 -0.68 -7.63 25.25
CA PHE A 440 -0.25 -8.94 24.77
C PHE A 440 -0.50 -9.98 25.85
N PHE A 441 -0.93 -11.17 25.45
CA PHE A 441 -1.05 -12.31 26.35
C PHE A 441 -1.14 -13.55 25.47
N TYR A 442 -0.84 -14.71 26.06
CA TYR A 442 -1.00 -15.99 25.39
C TYR A 442 -1.89 -16.83 26.30
N TYR A 443 -2.96 -17.41 25.78
CA TYR A 443 -3.84 -18.28 26.55
C TYR A 443 -3.91 -19.66 25.87
N SER A 444 -3.88 -20.72 26.67
CA SER A 444 -4.04 -22.09 26.19
C SER A 444 -4.61 -23.02 27.25
N ASP A 445 -5.67 -23.73 26.87
CA ASP A 445 -6.27 -24.79 27.67
C ASP A 445 -5.85 -26.20 27.14
N SER A 446 -4.92 -26.28 26.18
CA SER A 446 -4.48 -27.54 25.61
C SER A 446 -3.67 -28.34 26.65
N PRO A 447 -3.65 -29.69 26.54
CA PRO A 447 -2.89 -30.48 27.53
C PRO A 447 -1.39 -30.17 27.51
N CYS A 448 -0.76 -30.23 28.67
CA CYS A 448 0.67 -30.01 28.77
C CYS A 448 1.36 -31.29 28.27
N GLU A 449 1.79 -31.32 27.02
CA GLU A 449 2.41 -32.50 26.43
C GLU A 449 3.28 -32.11 25.22
N SER A 450 4.60 -32.42 25.30
CA SER A 450 5.61 -32.06 24.31
C SER A 450 5.41 -32.61 22.87
N HIS A 451 5.60 -33.93 22.65
CA HIS A 451 5.47 -34.56 21.31
C HIS A 451 6.53 -34.10 20.28
N GLY A 452 7.13 -35.06 19.59
CA GLY A 452 8.12 -34.81 18.56
C GLY A 452 9.53 -34.67 19.09
N ILE A 459 15.65 -27.33 17.63
CA ILE A 459 14.70 -26.64 18.49
C ILE A 459 14.97 -26.91 19.97
N ASP A 460 16.12 -26.44 20.50
CA ASP A 460 16.47 -26.66 21.90
C ASP A 460 15.68 -25.75 22.89
N TYR A 461 15.77 -26.05 24.20
CA TYR A 461 14.99 -25.36 25.23
C TYR A 461 15.76 -24.59 26.31
N VAL A 462 15.19 -23.45 26.71
CA VAL A 462 15.58 -22.55 27.82
C VAL A 462 14.25 -22.31 28.55
N PRO A 463 14.17 -22.55 29.87
CA PRO A 463 12.88 -22.42 30.56
C PRO A 463 12.19 -21.06 30.43
N LEU A 464 10.87 -21.09 30.18
CA LEU A 464 10.13 -19.84 30.03
C LEU A 464 9.58 -19.34 31.35
N LYS A 465 9.82 -18.08 31.65
CA LYS A 465 9.23 -17.40 32.80
C LYS A 465 8.51 -16.17 32.25
N SER A 466 7.18 -16.11 32.40
CA SER A 466 6.39 -14.99 31.90
C SER A 466 5.07 -14.90 32.64
N ALA A 467 4.71 -13.70 33.10
CA ALA A 467 3.42 -13.46 33.73
C ALA A 467 2.25 -13.56 32.72
N THR A 468 2.55 -13.44 31.40
CA THR A 468 1.52 -13.43 30.36
C THR A 468 1.33 -14.77 29.65
N CYS A 469 1.87 -15.87 30.19
CA CYS A 469 1.66 -17.19 29.60
C CYS A 469 0.53 -17.79 30.44
N ILE A 470 -0.71 -17.62 30.00
CA ILE A 470 -1.87 -18.04 30.76
C ILE A 470 -2.21 -19.51 30.49
N THR A 471 -1.53 -20.39 31.21
CA THR A 471 -1.68 -21.83 31.05
C THR A 471 -1.76 -22.52 32.43
N ARG A 472 -2.24 -23.79 32.46
CA ARG A 472 -2.35 -24.64 33.63
C ARG A 472 -0.99 -24.82 34.29
N CYS A 473 0.06 -25.05 33.48
CA CYS A 473 1.43 -25.22 33.93
C CYS A 473 1.97 -23.98 34.61
N ASN A 474 1.69 -22.79 34.07
CA ASN A 474 2.13 -21.54 34.70
C ASN A 474 1.35 -21.25 35.99
N LEU A 475 0.05 -21.62 36.02
CA LEU A 475 -0.76 -21.52 37.23
C LEU A 475 -0.12 -22.43 38.31
N GLY A 476 0.26 -23.64 37.89
CA GLY A 476 0.94 -24.63 38.73
C GLY A 476 2.38 -24.31 39.09
N GLY A 477 2.90 -23.18 38.61
CA GLY A 477 4.23 -22.71 38.98
C GLY A 477 5.40 -22.91 38.04
N ALA A 478 5.24 -23.66 36.93
CA ALA A 478 6.34 -23.92 36.01
C ALA A 478 5.84 -24.22 34.59
N VAL A 479 6.12 -23.33 33.62
CA VAL A 479 5.69 -23.53 32.23
C VAL A 479 6.32 -24.80 31.59
N CYS A 480 5.47 -25.67 31.04
CA CYS A 480 5.90 -26.89 30.35
C CYS A 480 6.55 -26.54 28.98
N ARG A 481 7.34 -27.46 28.43
CA ARG A 481 8.01 -27.23 27.16
C ARG A 481 7.07 -26.93 25.99
N HIS A 482 5.97 -27.67 25.86
CA HIS A 482 5.00 -27.46 24.80
C HIS A 482 4.42 -26.04 24.85
N HIS A 483 3.96 -25.60 26.03
CA HIS A 483 3.38 -24.27 26.16
C HIS A 483 4.43 -23.18 26.03
N ALA A 484 5.69 -23.44 26.40
CA ALA A 484 6.77 -22.46 26.19
C ALA A 484 7.04 -22.27 24.68
N ASN A 485 7.05 -23.38 23.91
CA ASN A 485 7.29 -23.36 22.46
C ASN A 485 6.13 -22.63 21.78
N GLU A 486 4.90 -22.96 22.18
CA GLU A 486 3.70 -22.35 21.62
C GLU A 486 3.64 -20.87 21.98
N TYR A 487 4.08 -20.49 23.19
CA TYR A 487 4.08 -19.10 23.65
C TYR A 487 5.03 -18.30 22.77
N ARG A 488 6.23 -18.84 22.51
CA ARG A 488 7.24 -18.13 21.71
C ARG A 488 6.82 -17.98 20.26
N LEU A 489 6.17 -19.00 19.69
CA LEU A 489 5.66 -18.95 18.33
C LEU A 489 4.53 -17.93 18.24
N TYR A 490 3.66 -17.87 19.27
CA TYR A 490 2.55 -16.92 19.32
C TYR A 490 3.03 -15.50 19.47
N LEU A 491 4.01 -15.26 20.35
CA LEU A 491 4.61 -13.94 20.52
C LEU A 491 5.25 -13.47 19.16
N ASP A 492 5.90 -14.39 18.43
CA ASP A 492 6.48 -14.05 17.13
C ASP A 492 5.42 -13.62 16.15
N ALA A 493 4.28 -14.36 16.12
CA ALA A 493 3.16 -14.04 15.25
C ALA A 493 2.53 -12.68 15.62
N TYR A 494 2.34 -12.44 16.91
CA TYR A 494 1.80 -11.20 17.44
C TYR A 494 2.66 -10.00 17.02
N ASN A 495 3.99 -10.07 17.27
CA ASN A 495 4.94 -9.01 16.94
C ASN A 495 4.99 -8.74 15.43
N MET A 496 4.80 -9.78 14.61
CA MET A 496 4.78 -9.66 13.17
C MET A 496 3.55 -8.82 12.73
N MET A 497 2.38 -9.14 13.30
CA MET A 497 1.13 -8.47 12.98
C MET A 497 1.16 -7.00 13.41
N ILE A 498 1.69 -6.73 14.61
CA ILE A 498 1.82 -5.38 15.16
C ILE A 498 2.77 -4.58 14.27
N SER A 499 3.94 -5.13 13.96
CA SER A 499 4.92 -4.44 13.11
C SER A 499 4.40 -4.20 11.69
N ALA A 500 3.49 -5.07 11.16
CA ALA A 500 2.85 -4.85 9.86
C ALA A 500 1.89 -3.64 9.87
N GLY A 501 1.53 -3.13 11.06
CA GLY A 501 0.67 -1.96 11.16
C GLY A 501 -0.67 -2.18 11.83
N PHE A 502 -1.02 -3.43 12.17
CA PHE A 502 -2.28 -3.72 12.82
C PHE A 502 -2.28 -3.32 14.29
N SER A 503 -3.36 -2.69 14.74
CA SER A 503 -3.51 -2.26 16.13
C SER A 503 -4.72 -2.99 16.76
N LEU A 504 -4.63 -3.34 18.03
CA LEU A 504 -5.66 -4.11 18.72
C LEU A 504 -6.25 -3.35 19.89
N TRP A 505 -7.58 -3.31 19.96
CA TRP A 505 -8.33 -2.58 20.97
C TRP A 505 -9.44 -3.45 21.55
N VAL A 506 -9.77 -3.23 22.82
CA VAL A 506 -10.73 -4.06 23.53
C VAL A 506 -11.55 -3.24 24.55
N TYR A 507 -12.74 -3.76 24.92
CA TYR A 507 -13.62 -3.16 25.92
C TYR A 507 -12.82 -3.03 27.25
N LYS A 508 -13.02 -1.91 27.96
CA LYS A 508 -12.26 -1.57 29.15
C LYS A 508 -12.29 -2.61 30.29
N GLN A 509 -13.35 -3.40 30.42
CA GLN A 509 -13.45 -4.43 31.44
C GLN A 509 -12.59 -5.67 31.15
N PHE A 510 -11.99 -5.79 29.94
CA PHE A 510 -11.16 -6.94 29.62
C PHE A 510 -10.00 -7.11 30.62
N ASP A 511 -9.88 -8.30 31.19
CA ASP A 511 -8.87 -8.56 32.20
C ASP A 511 -8.48 -10.00 32.13
N THR A 512 -7.22 -10.27 31.77
CA THR A 512 -6.69 -11.63 31.67
C THR A 512 -6.68 -12.37 33.03
N TYR A 513 -6.81 -11.64 34.16
CA TYR A 513 -6.92 -12.28 35.48
C TYR A 513 -8.16 -13.21 35.50
N ASN A 514 -9.21 -12.87 34.70
CA ASN A 514 -10.42 -13.69 34.59
C ASN A 514 -10.19 -15.00 33.81
N LEU A 515 -9.03 -15.18 33.16
CA LEU A 515 -8.72 -16.45 32.47
C LEU A 515 -8.16 -17.56 33.38
N TRP A 516 -7.52 -17.21 34.50
CA TRP A 516 -6.90 -18.21 35.38
C TRP A 516 -7.92 -19.22 35.95
N ASN A 517 -9.17 -18.79 36.21
CA ASN A 517 -10.19 -19.70 36.76
C ASN A 517 -10.85 -20.61 35.71
N THR A 518 -10.44 -20.53 34.44
CA THR A 518 -10.89 -21.51 33.45
C THR A 518 -10.08 -22.86 33.64
N PHE A 519 -9.08 -22.88 34.56
CA PHE A 519 -8.31 -24.05 34.93
C PHE A 519 -8.76 -24.43 36.35
N THR A 520 -9.77 -25.31 36.47
CA THR A 520 -10.29 -25.74 37.77
C THR A 520 -10.45 -27.26 37.85
ZN ZN B . -3.63 13.98 -2.09
ZN ZN C . 1.76 -26.55 29.80
ZN ZN D . 19.70 -7.93 -10.76
P PO4 E . 4.75 -5.35 -10.04
O1 PO4 E . 6.14 -5.91 -9.61
O2 PO4 E . 3.64 -5.51 -8.89
O3 PO4 E . 4.30 -6.21 -11.32
O4 PO4 E . 4.83 -3.79 -10.37
P PO4 F . -2.03 -24.28 21.60
O1 PO4 F . -1.23 -25.60 21.95
O2 PO4 F . -3.20 -24.02 22.66
O3 PO4 F . -1.05 -23.01 21.58
O4 PO4 F . -2.69 -24.45 20.16
C10 WKS G . 4.23 28.33 -12.44
N12 WKS G . 6.34 29.06 -13.46
C13 WKS G . 6.83 27.68 -13.45
C01 WKS G . 4.26 23.02 -9.40
C02 WKS G . 3.75 24.05 -10.37
C03 WKS G . 4.56 25.04 -10.87
C04 WKS G . 4.00 25.96 -11.76
C06 WKS G . 1.98 24.86 -11.57
C07 WKS G . 0.53 24.77 -11.95
C11 WKS G . 4.87 29.09 -13.57
C14 WKS G . 6.22 26.91 -12.30
N05 WKS G . 2.70 25.85 -12.12
N08 WKS G . 2.46 23.97 -10.72
N09 WKS G . 4.75 26.96 -12.37
#